data_7NQF
#
_entry.id   7NQF
#
_cell.length_a   77.041
_cell.length_b   160.362
_cell.length_c   39.800
_cell.angle_alpha   90.000
_cell.angle_beta   90.000
_cell.angle_gamma   90.000
#
_symmetry.space_group_name_H-M   'P 21 21 2'
#
loop_
_entity.id
_entity.type
_entity.pdbx_description
1 polymer 'TPR_REGION domain-containing protein'
2 polymer DNA(CGTGDG)
3 non-polymer 'COBALT (II) ION'
4 water water
#
loop_
_entity_poly.entity_id
_entity_poly.type
_entity_poly.pdbx_seq_one_letter_code
_entity_poly.pdbx_strand_id
1 'polypeptide(L)'
;GPSQNAIKRFMTLFSGREDVFSIQYEGGYRPIRRPLNFQDIKNHFSGKKTLGIYLLKKNDTVKFAAYDIDIKKHYLNRED
KFVYEENSKKVAKRLSRELNLENITHYFEFTGNRGYHIWIFFDIPVSAYKIKYIMEKILDRIELEEGIDVEIFPKQTSLN
GGLGNLI(MLZ)VPLGVHKKTGKKCLFVDNDFNVIENQIEFLNNIKENKATEINKLFREIFNE
;
A,B
2 'polydeoxyribonucleotide' (DC)(DG)(DT)(DG)(DC)(DG) C,D,E,F
#
loop_
_chem_comp.id
_chem_comp.type
_chem_comp.name
_chem_comp.formula
CO non-polymer 'COBALT (II) ION' 'Co 2'
DC DNA linking 2'-DEOXYCYTIDINE-5'-MONOPHOSPHATE 'C9 H14 N3 O7 P'
DG DNA linking 2'-DEOXYGUANOSINE-5'-MONOPHOSPHATE 'C10 H14 N5 O7 P'
DT DNA linking THYMIDINE-5'-MONOPHOSPHATE 'C10 H15 N2 O8 P'
#
# COMPACT_ATOMS: atom_id res chain seq x y z
N PRO A 2 -14.64 -5.00 -36.92
CA PRO A 2 -13.41 -5.45 -36.23
C PRO A 2 -12.91 -6.78 -36.77
N SER A 3 -11.60 -6.88 -36.98
CA SER A 3 -11.00 -8.06 -37.61
C SER A 3 -11.25 -9.31 -36.77
N GLN A 4 -11.06 -10.47 -37.40
CA GLN A 4 -11.09 -11.72 -36.65
C GLN A 4 -10.04 -11.72 -35.56
N ASN A 5 -8.85 -11.18 -35.86
CA ASN A 5 -7.79 -11.13 -34.84
C ASN A 5 -8.23 -10.28 -33.66
N ALA A 6 -8.85 -9.13 -33.92
CA ALA A 6 -9.31 -8.27 -32.85
C ALA A 6 -10.36 -8.99 -31.99
N ILE A 7 -11.28 -9.71 -32.64
CA ILE A 7 -12.29 -10.47 -31.91
C ILE A 7 -11.63 -11.58 -31.09
N LYS A 8 -10.67 -12.28 -31.68
CA LYS A 8 -10.00 -13.35 -30.94
C LYS A 8 -9.27 -12.82 -29.70
N ARG A 9 -8.67 -11.63 -29.83
CA ARG A 9 -7.97 -11.00 -28.73
C ARG A 9 -8.93 -10.52 -27.64
N PHE A 10 -10.07 -9.94 -28.03
CA PHE A 10 -11.09 -9.54 -27.07
C PHE A 10 -11.59 -10.76 -26.29
N MET A 11 -11.93 -11.84 -27.00
CA MET A 11 -12.45 -13.04 -26.35
C MET A 11 -11.42 -13.70 -25.45
N THR A 12 -10.14 -13.42 -25.68
CA THR A 12 -9.09 -14.05 -24.88
C THR A 12 -8.84 -13.26 -23.61
N LEU A 13 -8.88 -11.94 -23.70
CA LEU A 13 -8.67 -11.11 -22.51
C LEU A 13 -9.89 -11.17 -21.60
N PHE A 14 -11.08 -11.05 -22.17
CA PHE A 14 -12.33 -11.04 -21.40
C PHE A 14 -12.97 -12.41 -21.35
N SER A 15 -12.17 -13.40 -20.98
CA SER A 15 -12.58 -14.79 -20.97
C SER A 15 -13.10 -15.16 -19.58
N GLY A 16 -14.40 -15.42 -19.47
CA GLY A 16 -15.00 -15.81 -18.21
C GLY A 16 -15.68 -17.17 -18.27
N ARG A 17 -16.90 -17.27 -17.76
CA ARG A 17 -17.60 -18.55 -17.80
C ARG A 17 -17.67 -19.05 -19.24
N GLU A 18 -17.35 -20.33 -19.44
CA GLU A 18 -17.17 -20.87 -20.79
C GLU A 18 -18.48 -21.06 -21.54
N ASP A 19 -19.61 -21.22 -20.84
CA ASP A 19 -20.84 -21.65 -21.49
C ASP A 19 -22.04 -20.76 -21.18
N VAL A 20 -21.85 -19.64 -20.50
CA VAL A 20 -22.90 -18.69 -20.22
C VAL A 20 -22.32 -17.30 -20.34
N PHE A 21 -23.08 -16.38 -20.90
CA PHE A 21 -22.75 -14.96 -20.80
C PHE A 21 -24.06 -14.24 -20.53
N SER A 22 -24.08 -12.93 -20.74
CA SER A 22 -25.29 -12.19 -20.49
C SER A 22 -25.32 -11.01 -21.43
N ILE A 23 -26.52 -10.49 -21.67
CA ILE A 23 -26.61 -9.24 -22.42
C ILE A 23 -27.54 -8.30 -21.69
N GLN A 24 -27.29 -7.01 -21.87
CA GLN A 24 -28.07 -5.96 -21.23
C GLN A 24 -29.41 -5.79 -21.92
N TYR A 25 -30.51 -5.99 -21.18
CA TYR A 25 -31.83 -5.66 -21.66
C TYR A 25 -32.32 -4.37 -20.97
N GLU A 26 -33.53 -3.94 -21.33
CA GLU A 26 -34.09 -2.70 -20.77
C GLU A 26 -34.20 -2.79 -19.25
N GLY A 27 -34.64 -3.94 -18.75
CA GLY A 27 -34.79 -4.08 -17.31
C GLY A 27 -33.57 -4.61 -16.58
N GLY A 28 -32.39 -4.58 -17.21
CA GLY A 28 -31.22 -5.19 -16.63
C GLY A 28 -30.64 -6.29 -17.48
N TYR A 29 -29.72 -7.06 -16.90
CA TYR A 29 -28.97 -8.11 -17.56
C TYR A 29 -29.63 -9.46 -17.32
N ARG A 30 -29.41 -10.39 -18.27
CA ARG A 30 -29.97 -11.74 -18.20
C ARG A 30 -28.98 -12.73 -18.81
N PRO A 31 -28.92 -13.96 -18.30
CA PRO A 31 -27.95 -14.93 -18.81
C PRO A 31 -28.36 -15.47 -20.17
N ILE A 32 -27.39 -15.55 -21.08
CA ILE A 32 -27.51 -16.29 -22.32
C ILE A 32 -26.78 -17.61 -22.10
N ARG A 33 -27.53 -18.72 -22.07
N ARG A 33 -27.52 -18.71 -22.08
CA ARG A 33 -26.96 -20.01 -21.65
CA ARG A 33 -26.97 -20.00 -21.64
C ARG A 33 -26.40 -20.78 -22.85
C ARG A 33 -26.38 -20.79 -22.81
N ARG A 34 -25.35 -20.23 -23.43
CA ARG A 34 -24.56 -20.89 -24.45
C ARG A 34 -23.21 -20.18 -24.55
N PRO A 35 -22.19 -20.83 -25.13
CA PRO A 35 -20.88 -20.17 -25.27
C PRO A 35 -20.97 -18.88 -26.07
N LEU A 36 -20.10 -17.94 -25.69
CA LEU A 36 -19.93 -16.71 -26.46
C LEU A 36 -19.28 -17.03 -27.78
N ASN A 37 -19.81 -16.46 -28.87
CA ASN A 37 -19.26 -16.70 -30.20
C ASN A 37 -18.89 -15.38 -30.87
N PHE A 38 -18.24 -15.49 -32.04
CA PHE A 38 -17.69 -14.32 -32.72
C PHE A 38 -18.77 -13.31 -33.07
N GLN A 39 -19.96 -13.79 -33.46
CA GLN A 39 -21.04 -12.87 -33.84
C GLN A 39 -21.53 -12.08 -32.64
N ASP A 40 -21.46 -12.66 -31.43
CA ASP A 40 -21.83 -11.92 -30.24
C ASP A 40 -20.90 -10.73 -30.01
N ILE A 41 -19.60 -10.93 -30.26
CA ILE A 41 -18.64 -9.83 -30.11
C ILE A 41 -18.96 -8.72 -31.10
N LYS A 42 -19.24 -9.08 -32.35
CA LYS A 42 -19.58 -8.07 -33.35
C LYS A 42 -20.84 -7.31 -32.98
N ASN A 43 -21.84 -7.99 -32.38
CA ASN A 43 -23.02 -7.28 -31.91
C ASN A 43 -22.68 -6.33 -30.77
N HIS A 44 -21.78 -6.74 -29.88
CA HIS A 44 -21.26 -5.83 -28.85
C HIS A 44 -20.60 -4.62 -29.48
N PHE A 45 -19.61 -4.84 -30.38
CA PHE A 45 -18.84 -3.76 -30.98
C PHE A 45 -19.69 -2.81 -31.80
N SER A 46 -20.79 -3.28 -32.36
CA SER A 46 -21.64 -2.44 -33.19
C SER A 46 -22.67 -1.66 -32.38
N GLY A 47 -22.90 -2.05 -31.14
CA GLY A 47 -23.88 -1.38 -30.31
C GLY A 47 -25.27 -2.00 -30.37
N LYS A 48 -25.44 -3.13 -31.07
CA LYS A 48 -26.76 -3.76 -31.13
C LYS A 48 -27.09 -4.47 -29.82
N LYS A 49 -26.19 -5.32 -29.33
CA LYS A 49 -26.37 -6.01 -28.06
C LYS A 49 -25.11 -5.83 -27.22
N THR A 50 -25.26 -5.35 -25.99
N THR A 50 -25.28 -5.33 -25.99
CA THR A 50 -24.13 -5.09 -25.12
CA THR A 50 -24.16 -5.10 -25.07
C THR A 50 -23.92 -6.27 -24.18
C THR A 50 -23.94 -6.33 -24.22
N LEU A 51 -22.69 -6.79 -24.16
CA LEU A 51 -22.35 -8.01 -23.42
C LEU A 51 -21.95 -7.73 -21.97
N GLY A 52 -22.30 -8.67 -21.10
CA GLY A 52 -21.66 -8.78 -19.79
C GLY A 52 -21.15 -10.18 -19.58
N ILE A 53 -20.01 -10.27 -18.89
CA ILE A 53 -19.26 -11.52 -18.76
C ILE A 53 -19.31 -11.98 -17.31
N TYR A 54 -19.62 -13.26 -17.10
CA TYR A 54 -19.49 -13.85 -15.78
C TYR A 54 -18.02 -14.18 -15.57
N LEU A 55 -17.34 -13.38 -14.75
CA LEU A 55 -15.89 -13.53 -14.56
C LEU A 55 -15.56 -14.93 -14.05
N LEU A 56 -16.36 -15.45 -13.14
CA LEU A 56 -15.99 -16.65 -12.40
C LEU A 56 -16.12 -17.87 -13.30
N LYS A 57 -14.99 -18.51 -13.61
CA LYS A 57 -15.03 -19.74 -14.38
C LYS A 57 -15.42 -20.91 -13.47
N LYS A 58 -15.75 -22.04 -14.09
CA LYS A 58 -16.39 -23.11 -13.34
C LYS A 58 -15.48 -23.73 -12.27
N ASN A 59 -14.17 -23.59 -12.38
CA ASN A 59 -13.27 -24.03 -11.34
C ASN A 59 -12.93 -22.92 -10.33
N ASP A 60 -13.78 -21.90 -10.21
CA ASP A 60 -13.56 -20.80 -9.25
C ASP A 60 -12.21 -20.10 -9.48
N THR A 61 -11.91 -19.84 -10.76
CA THR A 61 -10.77 -19.03 -11.18
C THR A 61 -11.27 -17.89 -12.06
N VAL A 62 -10.48 -16.83 -12.17
CA VAL A 62 -10.79 -15.73 -13.08
C VAL A 62 -9.55 -15.48 -13.92
N LYS A 63 -9.78 -15.07 -15.18
CA LYS A 63 -8.71 -14.64 -16.05
C LYS A 63 -8.56 -13.12 -16.08
N PHE A 64 -9.54 -12.40 -15.55
CA PHE A 64 -9.45 -10.95 -15.42
C PHE A 64 -10.24 -10.54 -14.19
N ALA A 65 -10.08 -9.29 -13.81
CA ALA A 65 -10.68 -8.72 -12.63
C ALA A 65 -10.77 -7.23 -12.88
N ALA A 66 -11.57 -6.54 -12.08
CA ALA A 66 -11.74 -5.11 -12.31
C ALA A 66 -12.16 -4.42 -11.03
N TYR A 67 -11.63 -3.22 -10.79
CA TYR A 67 -12.28 -2.29 -9.87
C TYR A 67 -13.33 -1.54 -10.66
N ASP A 68 -14.43 -1.23 -9.99
CA ASP A 68 -15.53 -0.48 -10.56
C ASP A 68 -15.70 0.76 -9.71
N ILE A 69 -15.32 1.91 -10.23
CA ILE A 69 -15.33 3.17 -9.49
C ILE A 69 -16.50 4.00 -9.99
N ASP A 70 -17.53 4.20 -9.14
CA ASP A 70 -18.74 4.92 -9.53
C ASP A 70 -19.03 6.15 -8.66
N ILE A 71 -19.65 7.13 -9.29
CA ILE A 71 -20.29 8.23 -8.58
C ILE A 71 -21.60 7.71 -8.01
N LYS A 72 -21.84 7.98 -6.73
CA LYS A 72 -23.14 7.63 -6.15
C LYS A 72 -24.25 8.34 -6.90
N LYS A 73 -25.35 7.61 -7.16
CA LYS A 73 -26.45 8.16 -7.97
C LYS A 73 -27.07 9.39 -7.32
N HIS A 74 -27.00 9.48 -5.98
CA HIS A 74 -27.49 10.66 -5.27
C HIS A 74 -26.75 11.94 -5.67
N TYR A 75 -25.48 11.84 -6.08
CA TYR A 75 -24.70 13.03 -6.38
C TYR A 75 -24.80 13.46 -7.84
N LEU A 76 -25.53 12.74 -8.68
CA LEU A 76 -25.54 13.07 -10.10
C LEU A 76 -26.40 14.30 -10.39
N ASN A 77 -27.37 14.59 -9.54
CA ASN A 77 -28.26 15.72 -9.71
C ASN A 77 -27.62 17.07 -9.40
N ARG A 78 -26.42 17.10 -8.83
CA ARG A 78 -25.94 18.36 -8.27
C ARG A 78 -25.21 19.21 -9.31
N GLU A 79 -25.19 20.51 -9.06
CA GLU A 79 -24.44 21.42 -9.92
C GLU A 79 -22.94 21.14 -9.88
N ASP A 80 -22.43 20.59 -8.77
CA ASP A 80 -21.03 20.22 -8.68
C ASP A 80 -20.81 18.74 -8.99
N LYS A 81 -21.75 18.12 -9.72
CA LYS A 81 -21.55 16.78 -10.25
C LYS A 81 -20.16 16.59 -10.86
N PHE A 82 -19.66 17.61 -11.57
CA PHE A 82 -18.36 17.47 -12.21
C PHE A 82 -17.25 17.30 -11.17
N VAL A 83 -17.44 17.86 -9.97
CA VAL A 83 -16.45 17.63 -8.91
C VAL A 83 -16.36 16.14 -8.58
N TYR A 84 -17.49 15.43 -8.64
CA TYR A 84 -17.46 14.02 -8.29
C TYR A 84 -16.96 13.17 -9.46
N GLU A 85 -17.07 13.67 -10.69
CA GLU A 85 -16.38 13.01 -11.79
C GLU A 85 -14.87 13.07 -11.60
N GLU A 86 -14.35 14.27 -11.28
CA GLU A 86 -12.92 14.41 -10.99
C GLU A 86 -12.52 13.57 -9.78
N ASN A 87 -13.36 13.54 -8.73
CA ASN A 87 -13.04 12.71 -7.57
C ASN A 87 -12.94 11.25 -7.93
N SER A 88 -13.72 10.81 -8.92
CA SER A 88 -13.64 9.42 -9.32
C SER A 88 -12.35 9.15 -10.07
N LYS A 89 -11.90 10.13 -10.87
CA LYS A 89 -10.56 10.06 -11.45
C LYS A 89 -9.50 10.03 -10.35
N LYS A 90 -9.68 10.84 -9.31
CA LYS A 90 -8.71 10.83 -8.22
C LYS A 90 -8.60 9.46 -7.59
N VAL A 91 -9.74 8.86 -7.22
CA VAL A 91 -9.70 7.53 -6.62
C VAL A 91 -9.00 6.56 -7.57
N ALA A 92 -9.34 6.63 -8.86
CA ALA A 92 -8.69 5.77 -9.85
C ALA A 92 -7.18 5.98 -9.90
N LYS A 93 -6.73 7.24 -9.78
CA LYS A 93 -5.28 7.49 -9.80
C LYS A 93 -4.61 6.95 -8.54
N ARG A 94 -5.28 7.03 -7.40
CA ARG A 94 -4.70 6.47 -6.18
C ARG A 94 -4.63 4.96 -6.23
N LEU A 95 -5.68 4.29 -6.75
CA LEU A 95 -5.60 2.85 -6.91
C LEU A 95 -4.50 2.48 -7.90
N SER A 96 -4.38 3.25 -8.96
CA SER A 96 -3.44 2.91 -10.02
C SER A 96 -2.00 2.96 -9.50
N ARG A 97 -1.66 3.98 -8.70
CA ARG A 97 -0.30 4.08 -8.16
C ARG A 97 0.06 2.89 -7.27
N GLU A 98 -0.83 2.51 -6.34
CA GLU A 98 -0.55 1.38 -5.45
C GLU A 98 -0.49 0.07 -6.22
N LEU A 99 -1.42 -0.13 -7.16
CA LEU A 99 -1.33 -1.28 -8.06
C LEU A 99 0.04 -1.34 -8.72
N ASN A 100 0.52 -0.21 -9.27
CA ASN A 100 1.83 -0.22 -9.91
C ASN A 100 2.95 -0.43 -8.90
N LEU A 101 2.79 -0.01 -7.64
CA LEU A 101 3.83 -0.32 -6.66
C LEU A 101 3.99 -1.83 -6.52
N GLU A 102 2.88 -2.58 -6.65
CA GLU A 102 2.88 -4.02 -6.53
C GLU A 102 3.16 -4.70 -7.86
N ASN A 103 3.38 -3.91 -8.92
CA ASN A 103 3.62 -4.43 -10.26
C ASN A 103 2.41 -5.14 -10.85
N ILE A 104 1.21 -4.68 -10.51
CA ILE A 104 -0.01 -5.18 -11.14
C ILE A 104 -0.31 -4.23 -12.27
N THR A 105 -0.04 -4.67 -13.50
CA THR A 105 -0.39 -3.88 -14.66
C THR A 105 -1.91 -3.88 -14.89
N HIS A 106 -2.45 -2.73 -15.24
CA HIS A 106 -3.90 -2.51 -15.30
C HIS A 106 -4.18 -1.39 -16.30
N TYR A 107 -5.46 -1.23 -16.64
CA TYR A 107 -5.91 -0.34 -17.70
C TYR A 107 -7.22 0.35 -17.30
N PHE A 108 -7.39 1.59 -17.76
CA PHE A 108 -8.54 2.43 -17.47
C PHE A 108 -9.59 2.33 -18.58
N GLU A 109 -10.88 2.32 -18.20
CA GLU A 109 -11.94 2.43 -19.19
C GLU A 109 -13.06 3.29 -18.62
N PHE A 110 -13.49 4.31 -19.37
CA PHE A 110 -14.74 5.00 -19.04
C PHE A 110 -15.92 4.08 -19.36
N THR A 111 -16.86 3.96 -18.42
CA THR A 111 -17.88 2.92 -18.47
C THR A 111 -19.06 3.24 -19.38
N GLY A 112 -19.19 4.46 -19.88
CA GLY A 112 -20.37 4.88 -20.60
C GLY A 112 -21.44 5.51 -19.73
N ASN A 113 -21.26 5.52 -18.41
CA ASN A 113 -22.26 6.16 -17.57
C ASN A 113 -21.60 7.15 -16.63
N ARG A 114 -21.21 6.70 -15.44
CA ARG A 114 -20.84 7.60 -14.35
C ARG A 114 -19.57 7.15 -13.62
N GLY A 115 -18.64 6.51 -14.32
CA GLY A 115 -17.40 6.16 -13.65
C GLY A 115 -16.39 5.45 -14.51
N TYR A 116 -15.53 4.67 -13.86
CA TYR A 116 -14.38 4.04 -14.51
C TYR A 116 -14.23 2.62 -14.04
N HIS A 117 -13.86 1.72 -14.96
CA HIS A 117 -13.32 0.41 -14.62
C HIS A 117 -11.80 0.46 -14.66
N ILE A 118 -11.17 -0.28 -13.75
CA ILE A 118 -9.73 -0.52 -13.76
C ILE A 118 -9.56 -2.00 -14.04
N TRP A 119 -9.08 -2.35 -15.23
CA TRP A 119 -9.05 -3.74 -15.68
C TRP A 119 -7.72 -4.37 -15.36
N ILE A 120 -7.75 -5.61 -14.85
CA ILE A 120 -6.56 -6.36 -14.53
C ILE A 120 -6.66 -7.72 -15.21
N PHE A 121 -5.71 -8.02 -16.08
CA PHE A 121 -5.70 -9.24 -16.87
C PHE A 121 -4.55 -10.14 -16.42
N PHE A 122 -4.76 -11.46 -16.55
CA PHE A 122 -3.80 -12.48 -16.15
C PHE A 122 -3.48 -13.37 -17.34
N ASP A 123 -2.29 -13.99 -17.31
CA ASP A 123 -1.89 -14.80 -18.46
C ASP A 123 -2.65 -16.11 -18.49
N ILE A 124 -2.76 -16.76 -17.33
CA ILE A 124 -3.66 -17.91 -17.14
C ILE A 124 -4.54 -17.61 -15.94
N PRO A 125 -5.71 -18.25 -15.85
CA PRO A 125 -6.63 -17.95 -14.74
C PRO A 125 -5.99 -18.18 -13.38
N VAL A 126 -6.34 -17.32 -12.42
CA VAL A 126 -5.87 -17.44 -11.04
C VAL A 126 -7.07 -17.69 -10.12
N SER A 127 -6.80 -18.36 -9.00
CA SER A 127 -7.84 -18.66 -8.04
C SER A 127 -8.53 -17.38 -7.60
N ALA A 128 -9.86 -17.38 -7.63
CA ALA A 128 -10.62 -16.14 -7.46
C ALA A 128 -10.35 -15.51 -6.11
N TYR A 129 -10.24 -16.32 -5.06
CA TYR A 129 -10.08 -15.74 -3.73
C TYR A 129 -8.74 -15.04 -3.55
N LYS A 130 -7.69 -15.51 -4.24
CA LYS A 130 -6.39 -14.86 -4.12
C LYS A 130 -6.43 -13.46 -4.72
N ILE A 131 -7.03 -13.31 -5.89
CA ILE A 131 -7.06 -11.99 -6.52
C ILE A 131 -8.11 -11.08 -5.85
N LYS A 132 -9.28 -11.63 -5.46
CA LYS A 132 -10.20 -10.81 -4.67
C LYS A 132 -9.51 -10.33 -3.38
N TYR A 133 -8.79 -11.22 -2.70
CA TYR A 133 -8.07 -10.81 -1.48
C TYR A 133 -7.05 -9.72 -1.78
N ILE A 134 -6.26 -9.91 -2.85
CA ILE A 134 -5.26 -8.89 -3.18
C ILE A 134 -5.95 -7.57 -3.47
N MET A 135 -7.03 -7.59 -4.24
CA MET A 135 -7.61 -6.32 -4.64
C MET A 135 -8.23 -5.59 -3.47
N GLU A 136 -8.81 -6.32 -2.51
CA GLU A 136 -9.40 -5.68 -1.32
C GLU A 136 -8.33 -5.09 -0.42
N LYS A 137 -7.25 -5.83 -0.19
CA LYS A 137 -6.12 -5.28 0.56
C LYS A 137 -5.61 -4.00 -0.07
N ILE A 138 -5.38 -4.00 -1.39
CA ILE A 138 -4.84 -2.81 -2.03
C ILE A 138 -5.86 -1.68 -1.97
N LEU A 139 -7.14 -1.98 -2.13
CA LEU A 139 -8.17 -0.94 -2.05
C LEU A 139 -8.27 -0.33 -0.65
N ASP A 140 -8.13 -1.16 0.40
CA ASP A 140 -8.10 -0.61 1.76
C ASP A 140 -6.94 0.35 1.99
N ARG A 141 -5.93 0.37 1.12
CA ARG A 141 -4.78 1.26 1.36
C ARG A 141 -5.01 2.68 0.88
N ILE A 142 -6.05 2.94 0.10
CA ILE A 142 -6.23 4.25 -0.49
C ILE A 142 -7.34 4.96 0.26
N GLU A 143 -7.40 6.28 0.07
CA GLU A 143 -8.45 7.06 0.69
C GLU A 143 -9.52 7.36 -0.35
N LEU A 144 -10.75 6.98 -0.03
CA LEU A 144 -11.88 7.24 -0.90
C LEU A 144 -12.30 8.69 -0.77
N GLU A 145 -12.77 9.26 -1.88
CA GLU A 145 -13.29 10.60 -1.87
C GLU A 145 -14.81 10.55 -1.76
N GLU A 146 -15.40 11.64 -1.27
CA GLU A 146 -16.83 11.66 -1.03
C GLU A 146 -17.60 11.37 -2.31
N GLY A 147 -18.72 10.66 -2.18
CA GLY A 147 -19.62 10.41 -3.28
C GLY A 147 -19.15 9.36 -4.24
N ILE A 148 -18.09 8.63 -3.91
CA ILE A 148 -17.44 7.68 -4.80
C ILE A 148 -17.51 6.30 -4.15
N ASP A 149 -18.02 5.32 -4.90
CA ASP A 149 -17.99 3.93 -4.46
C ASP A 149 -17.11 3.10 -5.40
N VAL A 150 -16.31 2.22 -4.80
CA VAL A 150 -15.49 1.25 -5.51
C VAL A 150 -16.02 -0.14 -5.17
N GLU A 151 -16.37 -0.92 -6.20
CA GLU A 151 -16.65 -2.34 -6.05
C GLU A 151 -15.55 -3.17 -6.72
N ILE A 152 -15.38 -4.41 -6.25
CA ILE A 152 -14.41 -5.32 -6.82
C ILE A 152 -15.13 -6.47 -7.53
N PHE A 153 -14.72 -6.75 -8.76
CA PHE A 153 -15.09 -7.97 -9.44
C PHE A 153 -13.85 -8.83 -9.56
N PRO A 154 -13.91 -10.14 -9.25
CA PRO A 154 -15.11 -10.95 -8.94
C PRO A 154 -15.81 -10.58 -7.65
N LYS A 155 -17.13 -10.52 -7.67
CA LYS A 155 -17.88 -10.24 -6.43
C LYS A 155 -17.95 -11.45 -5.49
N GLN A 156 -17.55 -12.64 -5.92
CA GLN A 156 -17.50 -13.80 -5.02
C GLN A 156 -16.37 -14.68 -5.50
N THR A 157 -16.00 -15.68 -4.68
CA THR A 157 -14.85 -16.51 -5.01
C THR A 157 -15.20 -17.98 -5.13
N SER A 158 -16.47 -18.35 -4.94
CA SER A 158 -16.95 -19.68 -5.29
C SER A 158 -18.32 -19.56 -5.97
N LEU A 159 -18.55 -20.44 -6.93
CA LEU A 159 -19.82 -20.36 -7.64
C LEU A 159 -20.93 -21.04 -6.86
N ASN A 160 -20.60 -22.12 -6.15
CA ASN A 160 -21.57 -22.98 -5.46
C ASN A 160 -22.76 -23.30 -6.37
N GLY A 161 -22.47 -23.58 -7.64
CA GLY A 161 -23.48 -23.99 -8.59
C GLY A 161 -24.19 -22.85 -9.30
N GLY A 162 -23.90 -21.60 -8.98
CA GLY A 162 -24.51 -20.47 -9.64
C GLY A 162 -23.63 -19.90 -10.73
N LEU A 163 -23.91 -18.65 -11.10
CA LEU A 163 -23.15 -17.96 -12.13
C LEU A 163 -22.22 -16.89 -11.59
N GLY A 164 -22.42 -16.44 -10.35
CA GLY A 164 -21.71 -15.29 -9.85
C GLY A 164 -22.27 -14.00 -10.42
N ASN A 165 -21.50 -12.93 -10.27
CA ASN A 165 -21.86 -11.63 -10.81
C ASN A 165 -21.12 -11.40 -12.13
N LEU A 166 -21.67 -10.51 -12.94
CA LEU A 166 -21.15 -10.20 -14.27
C LEU A 166 -20.67 -8.75 -14.33
N ILE A 167 -19.85 -8.47 -15.34
CA ILE A 167 -19.38 -7.12 -15.61
C ILE A 167 -19.55 -6.80 -17.09
N MLZ A 168 -20.05 -5.60 -17.37
CA MLZ A 168 -20.11 -5.11 -18.75
CB MLZ A 168 -20.81 -3.74 -18.81
CG MLZ A 168 -21.01 -3.22 -20.22
CD MLZ A 168 -21.84 -1.95 -20.21
CE MLZ A 168 -21.07 -0.78 -19.63
NZ MLZ A 168 -19.86 -0.45 -20.39
CM MLZ A 168 -20.06 -0.04 -21.76
C MLZ A 168 -18.66 -4.99 -19.33
O MLZ A 168 -17.78 -4.39 -18.64
N VAL A 169 -18.39 -5.51 -20.53
CA VAL A 169 -17.03 -5.41 -21.06
C VAL A 169 -16.96 -4.23 -22.04
N PRO A 170 -15.75 -3.70 -22.25
CA PRO A 170 -15.62 -2.43 -23.00
C PRO A 170 -15.81 -2.61 -24.49
N LEU A 171 -15.77 -1.47 -25.20
CA LEU A 171 -15.87 -1.33 -26.65
C LEU A 171 -17.27 -1.54 -27.16
N GLY A 172 -18.26 -1.34 -26.28
CA GLY A 172 -19.67 -1.42 -26.65
C GLY A 172 -20.34 -0.11 -26.32
N VAL A 173 -21.66 -0.12 -26.17
CA VAL A 173 -22.40 1.05 -25.72
C VAL A 173 -23.12 0.66 -24.44
N HIS A 174 -23.19 1.61 -23.51
CA HIS A 174 -24.04 1.45 -22.35
C HIS A 174 -25.49 1.62 -22.79
N LYS A 175 -26.31 0.60 -22.56
CA LYS A 175 -27.67 0.67 -23.11
C LYS A 175 -28.53 1.69 -22.39
N LYS A 176 -28.20 2.04 -21.14
CA LYS A 176 -28.98 3.03 -20.40
C LYS A 176 -28.71 4.46 -20.87
N THR A 177 -27.48 4.73 -21.35
CA THR A 177 -27.10 6.07 -21.80
C THR A 177 -26.86 6.19 -23.30
N GLY A 178 -26.68 5.08 -24.01
CA GLY A 178 -26.28 5.16 -25.41
C GLY A 178 -24.85 5.60 -25.65
N LYS A 179 -24.03 5.71 -24.60
CA LYS A 179 -22.66 6.18 -24.71
C LYS A 179 -21.69 5.01 -24.83
N LYS A 180 -20.67 5.18 -25.69
CA LYS A 180 -19.61 4.19 -25.82
C LYS A 180 -18.82 4.07 -24.52
N CYS A 181 -18.32 2.87 -24.26
CA CYS A 181 -17.41 2.63 -23.14
C CYS A 181 -16.03 2.30 -23.70
N LEU A 182 -15.08 3.23 -23.55
CA LEU A 182 -13.79 3.14 -24.22
C LEU A 182 -12.63 3.17 -23.23
N PHE A 183 -11.50 2.64 -23.67
CA PHE A 183 -10.26 2.75 -22.93
C PHE A 183 -9.76 4.20 -22.95
N VAL A 184 -9.11 4.61 -21.85
CA VAL A 184 -8.54 5.94 -21.72
C VAL A 184 -7.14 5.81 -21.18
N ASP A 185 -6.35 6.87 -21.40
CA ASP A 185 -4.93 6.85 -21.05
C ASP A 185 -4.75 7.26 -19.59
N ASN A 186 -3.50 7.32 -19.14
CA ASN A 186 -3.25 7.67 -17.75
C ASN A 186 -3.77 9.07 -17.40
N ASP A 187 -3.99 9.92 -18.39
CA ASP A 187 -4.63 11.21 -18.19
C ASP A 187 -6.15 11.14 -18.30
N PHE A 188 -6.70 9.94 -18.52
CA PHE A 188 -8.13 9.72 -18.73
C PHE A 188 -8.65 10.32 -20.04
N ASN A 189 -7.78 10.57 -21.01
CA ASN A 189 -8.23 10.95 -22.34
C ASN A 189 -8.56 9.71 -23.16
N VAL A 190 -9.67 9.77 -23.91
CA VAL A 190 -10.06 8.67 -24.78
C VAL A 190 -8.94 8.36 -25.76
N ILE A 191 -8.63 7.08 -25.91
CA ILE A 191 -7.56 6.64 -26.79
C ILE A 191 -8.12 6.49 -28.20
N GLU A 192 -7.40 7.05 -29.19
CA GLU A 192 -7.91 7.08 -30.56
C GLU A 192 -8.00 5.69 -31.16
N ASN A 193 -6.93 4.89 -31.05
CA ASN A 193 -6.94 3.54 -31.61
C ASN A 193 -7.24 2.54 -30.50
N GLN A 194 -8.52 2.20 -30.36
CA GLN A 194 -8.94 1.32 -29.28
C GLN A 194 -8.47 -0.11 -29.53
N ILE A 195 -8.57 -0.58 -30.78
CA ILE A 195 -8.14 -1.94 -31.12
C ILE A 195 -6.65 -2.13 -30.84
N GLU A 196 -5.82 -1.19 -31.31
CA GLU A 196 -4.38 -1.28 -31.09
C GLU A 196 -4.04 -1.19 -29.59
N PHE A 197 -4.75 -0.33 -28.85
CA PHE A 197 -4.60 -0.37 -27.40
C PHE A 197 -4.97 -1.74 -26.85
N LEU A 198 -5.98 -2.38 -27.42
CA LEU A 198 -6.37 -3.71 -26.97
C LEU A 198 -5.28 -4.73 -27.23
N ASN A 199 -4.55 -4.58 -28.34
CA ASN A 199 -3.48 -5.50 -28.65
C ASN A 199 -2.28 -5.31 -27.73
N ASN A 200 -2.01 -4.07 -27.32
CA ASN A 200 -0.87 -3.79 -26.47
C ASN A 200 -1.14 -4.04 -24.98
N ILE A 201 -2.34 -4.52 -24.63
CA ILE A 201 -2.67 -4.78 -23.24
C ILE A 201 -1.78 -5.90 -22.72
N LYS A 202 -1.18 -5.68 -21.56
CA LYS A 202 -0.20 -6.58 -20.98
C LYS A 202 -0.86 -7.37 -19.85
N GLU A 203 -0.70 -8.69 -19.88
CA GLU A 203 -1.26 -9.58 -18.86
C GLU A 203 -0.25 -9.79 -17.71
N ASN A 204 -0.75 -9.78 -16.46
CA ASN A 204 0.13 -10.12 -15.35
C ASN A 204 0.33 -11.62 -15.26
N LYS A 205 1.42 -12.03 -14.62
CA LYS A 205 1.76 -13.44 -14.53
C LYS A 205 1.10 -14.08 -13.31
N ALA A 206 0.40 -15.20 -13.57
CA ALA A 206 -0.25 -15.93 -12.49
C ALA A 206 0.72 -16.29 -11.38
N THR A 207 1.90 -16.80 -11.73
CA THR A 207 2.91 -17.09 -10.72
C THR A 207 3.26 -15.84 -9.90
N GLU A 208 3.22 -14.66 -10.53
CA GLU A 208 3.48 -13.43 -9.79
C GLU A 208 2.36 -13.14 -8.80
N ILE A 209 1.12 -13.20 -9.28
CA ILE A 209 -0.06 -13.04 -8.44
C ILE A 209 0.00 -13.99 -7.26
N ASN A 210 0.37 -15.25 -7.52
CA ASN A 210 0.42 -16.24 -6.45
C ASN A 210 1.42 -15.83 -5.37
N LYS A 211 2.61 -15.38 -5.78
CA LYS A 211 3.62 -14.94 -4.82
C LYS A 211 3.11 -13.76 -4.01
N LEU A 212 2.52 -12.77 -4.70
CA LEU A 212 2.03 -11.58 -4.02
C LEU A 212 0.95 -11.93 -3.00
N PHE A 213 0.12 -12.94 -3.30
CA PHE A 213 -0.87 -13.37 -2.33
C PHE A 213 -0.21 -13.98 -1.10
N ARG A 214 0.76 -14.88 -1.31
CA ARG A 214 1.47 -15.48 -0.18
C ARG A 214 2.11 -14.42 0.70
N GLU A 215 2.66 -13.38 0.10
CA GLU A 215 3.34 -12.36 0.89
C GLU A 215 2.35 -11.57 1.75
N ILE A 216 1.25 -11.14 1.15
CA ILE A 216 0.27 -10.35 1.90
C ILE A 216 -0.51 -11.22 2.87
N PHE A 217 -0.88 -12.43 2.44
CA PHE A 217 -1.71 -13.28 3.29
C PHE A 217 -0.98 -13.67 4.57
N ASN A 218 0.31 -13.96 4.47
CA ASN A 218 1.11 -14.47 5.58
C ASN A 218 1.70 -13.37 6.46
N GLU A 219 1.35 -12.10 6.22
CA GLU A 219 1.74 -11.02 7.12
C GLU A 219 1.24 -11.30 8.52
N GLY B 1 38.07 -1.33 18.84
CA GLY B 1 38.41 -1.91 17.55
C GLY B 1 37.18 -2.10 16.68
N PRO B 2 36.62 -3.31 16.68
CA PRO B 2 35.27 -3.49 16.10
C PRO B 2 34.22 -2.69 16.84
N SER B 3 34.43 -2.43 18.13
CA SER B 3 33.51 -1.60 18.88
C SER B 3 33.58 -0.15 18.44
N GLN B 4 34.79 0.39 18.28
CA GLN B 4 34.91 1.81 17.93
C GLN B 4 34.32 2.09 16.55
N ASN B 5 34.43 1.13 15.63
CA ASN B 5 33.73 1.28 14.36
C ASN B 5 32.23 1.40 14.57
N ALA B 6 31.70 0.60 15.50
CA ALA B 6 30.27 0.68 15.79
C ALA B 6 29.89 2.01 16.43
N ILE B 7 30.70 2.50 17.39
CA ILE B 7 30.39 3.77 18.05
C ILE B 7 30.37 4.91 17.04
N LYS B 8 31.32 4.90 16.10
CA LYS B 8 31.36 5.94 15.07
C LYS B 8 30.13 5.88 14.18
N ARG B 9 29.78 4.69 13.72
CA ARG B 9 28.58 4.54 12.89
C ARG B 9 27.34 4.95 13.65
N PHE B 10 27.23 4.53 14.92
CA PHE B 10 26.09 4.91 15.75
C PHE B 10 25.93 6.42 15.81
N MET B 11 27.04 7.13 16.00
CA MET B 11 27.01 8.58 16.09
C MET B 11 26.53 9.23 14.79
N THR B 12 26.87 8.65 13.62
CA THR B 12 26.33 9.24 12.40
C THR B 12 24.88 8.81 12.15
N LEU B 13 24.52 7.58 12.47
CA LEU B 13 23.17 7.14 12.17
C LEU B 13 22.15 7.88 13.04
N PHE B 14 22.43 8.04 14.33
CA PHE B 14 21.47 8.58 15.29
C PHE B 14 21.77 10.02 15.67
N SER B 15 22.29 10.80 14.72
CA SER B 15 22.55 12.23 14.90
C SER B 15 21.25 12.99 15.06
N GLY B 16 20.99 13.49 16.27
CA GLY B 16 19.82 14.34 16.55
C GLY B 16 20.20 15.78 16.84
N ARG B 17 19.50 16.41 17.79
CA ARG B 17 19.75 17.82 18.07
C ARG B 17 21.20 18.00 18.52
N GLU B 18 21.78 19.14 18.14
CA GLU B 18 23.23 19.28 18.23
C GLU B 18 23.70 19.50 19.67
N ASP B 19 22.91 20.16 20.52
CA ASP B 19 23.43 20.58 21.81
C ASP B 19 22.60 20.12 23.00
N VAL B 20 21.60 19.25 22.78
CA VAL B 20 20.82 18.66 23.87
C VAL B 20 20.53 17.21 23.53
N PHE B 21 20.58 16.35 24.54
CA PHE B 21 20.08 14.98 24.44
C PHE B 21 19.41 14.64 25.78
N SER B 22 19.16 13.36 26.03
CA SER B 22 18.47 12.97 27.26
C SER B 22 18.95 11.59 27.70
N ILE B 23 18.65 11.27 28.94
CA ILE B 23 19.01 10.01 29.57
C ILE B 23 17.74 9.36 30.09
N GLN B 24 17.61 8.05 29.93
CA GLN B 24 16.42 7.36 30.42
C GLN B 24 16.56 7.00 31.90
N TYR B 25 15.44 7.05 32.62
CA TYR B 25 15.35 6.42 33.93
C TYR B 25 13.98 5.76 34.03
N GLU B 26 13.80 4.94 35.08
CA GLU B 26 12.53 4.23 35.29
C GLU B 26 11.39 5.23 35.38
N GLY B 27 10.53 5.27 34.36
CA GLY B 27 9.45 6.24 34.31
C GLY B 27 9.82 7.68 34.02
N GLY B 28 10.74 7.92 33.09
CA GLY B 28 10.95 9.27 32.62
C GLY B 28 12.27 9.42 31.90
N TYR B 29 12.47 10.63 31.39
CA TYR B 29 13.71 11.01 30.72
C TYR B 29 14.20 12.35 31.26
N ARG B 30 15.50 12.45 31.49
CA ARG B 30 16.10 13.70 31.95
C ARG B 30 16.88 14.34 30.80
N PRO B 31 16.56 15.56 30.38
CA PRO B 31 17.36 16.20 29.33
C PRO B 31 18.71 16.60 29.88
N ILE B 32 19.72 16.48 29.02
CA ILE B 32 21.10 16.86 29.34
C ILE B 32 21.47 17.96 28.36
N ARG B 33 21.62 19.18 28.87
CA ARG B 33 21.79 20.36 28.02
C ARG B 33 23.27 20.57 27.72
N ARG B 34 23.79 19.66 26.92
CA ARG B 34 25.12 19.78 26.31
C ARG B 34 25.16 18.87 25.10
N PRO B 35 26.10 19.08 24.17
CA PRO B 35 26.20 18.18 23.02
C PRO B 35 26.47 16.75 23.48
N LEU B 36 25.96 15.80 22.70
CA LEU B 36 26.30 14.40 22.90
C LEU B 36 27.76 14.17 22.48
N ASN B 37 28.47 13.33 23.24
CA ASN B 37 29.88 13.09 22.90
C ASN B 37 30.15 11.59 22.78
N PHE B 38 31.37 11.25 22.37
CA PHE B 38 31.76 9.88 22.10
C PHE B 38 31.52 9.00 23.31
N GLN B 39 31.81 9.51 24.49
CA GLN B 39 31.73 8.69 25.69
C GLN B 39 30.29 8.42 26.08
N ASP B 40 29.38 9.35 25.78
CA ASP B 40 27.96 9.08 25.99
C ASP B 40 27.53 7.82 25.24
N ILE B 41 27.97 7.68 23.99
CA ILE B 41 27.57 6.50 23.23
C ILE B 41 28.19 5.24 23.81
N LYS B 42 29.46 5.31 24.23
CA LYS B 42 30.08 4.21 24.96
C LYS B 42 29.27 3.85 26.21
N ASN B 43 28.82 4.86 26.96
CA ASN B 43 27.99 4.63 28.13
C ASN B 43 26.65 3.99 27.75
N HIS B 44 26.11 4.36 26.58
CA HIS B 44 24.88 3.73 26.11
C HIS B 44 25.11 2.25 25.84
N PHE B 45 26.14 1.93 25.04
CA PHE B 45 26.45 0.55 24.65
C PHE B 45 26.69 -0.34 25.86
N SER B 46 27.37 0.19 26.89
CA SER B 46 27.71 -0.59 28.07
C SER B 46 26.52 -0.87 28.96
N GLY B 47 25.39 -0.19 28.76
CA GLY B 47 24.25 -0.35 29.64
C GLY B 47 24.21 0.60 30.82
N LYS B 48 25.18 1.50 30.94
CA LYS B 48 25.31 2.36 32.12
C LYS B 48 24.30 3.51 32.09
N LYS B 49 24.14 4.15 30.94
CA LYS B 49 23.21 5.24 30.76
C LYS B 49 22.50 5.00 29.43
N THR B 50 21.18 5.12 29.39
CA THR B 50 20.41 4.85 28.18
C THR B 50 20.01 6.17 27.52
N LEU B 51 20.43 6.35 26.27
CA LEU B 51 20.25 7.61 25.54
C LEU B 51 18.87 7.71 24.91
N GLY B 52 18.27 8.89 25.02
CA GLY B 52 17.16 9.28 24.17
C GLY B 52 17.58 10.48 23.36
N ILE B 53 17.40 10.43 22.05
CA ILE B 53 17.88 11.46 21.13
C ILE B 53 16.68 12.28 20.66
N TYR B 54 16.80 13.60 20.74
CA TYR B 54 15.84 14.52 20.10
C TYR B 54 16.15 14.56 18.60
N LEU B 55 15.27 13.99 17.78
CA LEU B 55 15.56 13.82 16.35
C LEU B 55 15.69 15.14 15.62
N LEU B 56 14.90 16.13 16.01
CA LEU B 56 14.78 17.37 15.26
C LEU B 56 16.02 18.24 15.50
N LYS B 57 16.81 18.45 14.46
CA LYS B 57 17.89 19.39 14.55
C LYS B 57 17.34 20.81 14.49
N LYS B 58 18.17 21.77 14.91
CA LYS B 58 17.72 23.13 15.14
C LYS B 58 17.19 23.81 13.88
N ASN B 59 17.61 23.39 12.68
CA ASN B 59 17.03 23.92 11.46
C ASN B 59 15.85 23.10 10.96
N ASP B 60 15.17 22.37 11.86
CA ASP B 60 13.99 21.57 11.53
C ASP B 60 14.28 20.48 10.49
N THR B 61 15.50 19.97 10.46
CA THR B 61 15.84 18.77 9.69
C THR B 61 15.96 17.57 10.63
N VAL B 62 16.00 16.37 10.05
CA VAL B 62 16.29 15.14 10.78
C VAL B 62 17.22 14.29 9.92
N LYS B 63 18.19 13.61 10.55
CA LYS B 63 19.00 12.63 9.83
C LYS B 63 18.50 11.20 9.97
N PHE B 64 17.49 10.94 10.81
CA PHE B 64 16.83 9.65 10.85
C PHE B 64 15.38 9.83 11.28
N ALA B 65 14.60 8.75 11.12
CA ALA B 65 13.21 8.79 11.52
C ALA B 65 12.83 7.39 11.96
N ALA B 66 11.68 7.29 12.64
CA ALA B 66 11.26 5.99 13.15
C ALA B 66 9.74 5.86 13.19
N TYR B 67 9.25 4.69 12.83
CA TYR B 67 7.93 4.23 13.28
C TYR B 67 8.09 3.57 14.63
N ASP B 68 7.19 3.88 15.55
CA ASP B 68 7.22 3.28 16.88
C ASP B 68 5.94 2.46 17.03
N ILE B 69 6.07 1.13 17.02
CA ILE B 69 4.94 0.19 17.06
C ILE B 69 4.81 -0.40 18.45
N ASP B 70 3.68 -0.12 19.11
CA ASP B 70 3.47 -0.44 20.51
C ASP B 70 2.26 -1.33 20.72
N ILE B 71 2.41 -2.33 21.58
CA ILE B 71 1.27 -2.98 22.20
C ILE B 71 0.77 -2.08 23.33
N LYS B 72 -0.51 -1.74 23.29
CA LYS B 72 -1.10 -0.95 24.35
C LYS B 72 -0.96 -1.67 25.68
N LYS B 73 -0.72 -0.90 26.73
CA LYS B 73 -0.23 -1.47 27.99
C LYS B 73 -1.22 -2.46 28.57
N HIS B 74 -2.53 -2.19 28.45
CA HIS B 74 -3.54 -3.10 28.98
C HIS B 74 -3.40 -4.50 28.39
N TYR B 75 -3.02 -4.60 27.11
CA TYR B 75 -3.02 -5.88 26.42
C TYR B 75 -1.88 -6.79 26.88
N LEU B 76 -0.85 -6.24 27.52
CA LEU B 76 0.25 -7.07 28.00
C LEU B 76 -0.15 -7.94 29.19
N ASN B 77 -1.19 -7.56 29.91
CA ASN B 77 -1.63 -8.28 31.11
C ASN B 77 -2.81 -9.20 30.81
N ARG B 78 -2.79 -9.89 29.68
CA ARG B 78 -3.85 -10.81 29.32
C ARG B 78 -3.29 -12.22 29.19
N GLU B 79 -4.15 -13.22 29.40
CA GLU B 79 -3.70 -14.59 29.22
C GLU B 79 -3.39 -14.88 27.75
N ASP B 80 -4.02 -14.15 26.82
CA ASP B 80 -3.77 -14.30 25.39
C ASP B 80 -2.89 -13.18 24.82
N LYS B 81 -1.93 -12.69 25.62
CA LYS B 81 -1.06 -11.61 25.15
C LYS B 81 -0.36 -11.95 23.83
N PHE B 82 -0.17 -13.24 23.55
CA PHE B 82 0.56 -13.64 22.35
C PHE B 82 -0.17 -13.19 21.09
N VAL B 83 -1.50 -13.11 21.14
CA VAL B 83 -2.24 -12.58 20.00
C VAL B 83 -1.76 -11.18 19.67
N TYR B 84 -1.48 -10.38 20.70
CA TYR B 84 -1.12 -8.98 20.51
C TYR B 84 0.36 -8.78 20.23
N GLU B 85 1.23 -9.68 20.71
CA GLU B 85 2.62 -9.69 20.25
C GLU B 85 2.68 -9.98 18.75
N GLU B 86 1.91 -10.98 18.31
CA GLU B 86 1.80 -11.26 16.88
C GLU B 86 1.17 -10.10 16.12
N ASN B 87 0.16 -9.44 16.71
CA ASN B 87 -0.46 -8.31 16.04
C ASN B 87 0.56 -7.21 15.76
N SER B 88 1.47 -6.94 16.70
CA SER B 88 2.45 -5.88 16.50
C SER B 88 3.47 -6.29 15.44
N LYS B 89 3.73 -7.59 15.31
CA LYS B 89 4.56 -8.06 14.20
C LYS B 89 3.85 -7.91 12.87
N LYS B 90 2.54 -8.18 12.84
CA LYS B 90 1.81 -7.99 11.60
C LYS B 90 1.86 -6.54 11.15
N VAL B 91 1.64 -5.62 12.07
CA VAL B 91 1.60 -4.21 11.72
C VAL B 91 2.97 -3.75 11.23
N ALA B 92 4.02 -4.12 11.96
CA ALA B 92 5.38 -3.78 11.55
C ALA B 92 5.71 -4.37 10.19
N LYS B 93 5.19 -5.56 9.88
CA LYS B 93 5.50 -6.16 8.58
C LYS B 93 4.81 -5.39 7.47
N ARG B 94 3.55 -5.02 7.69
CA ARG B 94 2.78 -4.24 6.73
C ARG B 94 3.41 -2.88 6.49
N LEU B 95 3.85 -2.20 7.55
CA LEU B 95 4.60 -0.97 7.35
C LEU B 95 5.85 -1.21 6.52
N SER B 96 6.54 -2.33 6.78
CA SER B 96 7.81 -2.58 6.09
C SER B 96 7.57 -2.83 4.60
N ARG B 97 6.46 -3.50 4.25
CA ARG B 97 6.17 -3.73 2.84
C ARG B 97 5.93 -2.42 2.10
N GLU B 98 5.08 -1.52 2.67
CA GLU B 98 4.86 -0.24 2.00
C GLU B 98 6.15 0.56 1.90
N LEU B 99 7.00 0.50 2.93
CA LEU B 99 8.28 1.20 2.86
C LEU B 99 9.14 0.62 1.74
N ASN B 100 9.23 -0.71 1.68
CA ASN B 100 9.97 -1.33 0.60
C ASN B 100 9.35 -1.01 -0.76
N LEU B 101 8.02 -1.03 -0.85
CA LEU B 101 7.37 -0.67 -2.11
C LEU B 101 7.76 0.74 -2.53
N GLU B 102 7.96 1.64 -1.57
CA GLU B 102 8.44 2.97 -1.90
C GLU B 102 9.98 3.08 -1.94
N ASN B 103 10.70 1.96 -1.95
CA ASN B 103 12.18 2.00 -2.05
C ASN B 103 12.80 2.73 -0.86
N ILE B 104 12.22 2.58 0.31
CA ILE B 104 12.76 3.22 1.51
C ILE B 104 13.38 2.13 2.37
N THR B 105 14.72 2.08 2.37
CA THR B 105 15.45 1.12 3.17
C THR B 105 15.26 1.40 4.67
N HIS B 106 15.09 0.35 5.46
CA HIS B 106 14.72 0.52 6.86
C HIS B 106 15.13 -0.71 7.65
N TYR B 107 15.03 -0.60 8.99
CA TYR B 107 15.57 -1.62 9.88
C TYR B 107 14.70 -1.75 11.12
N PHE B 108 14.66 -2.98 11.65
CA PHE B 108 13.79 -3.37 12.75
C PHE B 108 14.57 -3.43 14.05
N GLU B 109 13.97 -2.93 15.12
CA GLU B 109 14.54 -3.02 16.46
C GLU B 109 13.46 -3.45 17.43
N PHE B 110 13.73 -4.49 18.22
CA PHE B 110 12.90 -4.77 19.39
C PHE B 110 13.29 -3.81 20.51
N THR B 111 12.31 -3.07 21.04
CA THR B 111 12.59 -1.94 21.93
C THR B 111 12.97 -2.36 23.36
N GLY B 112 13.05 -3.65 23.68
CA GLY B 112 13.17 -4.04 25.07
C GLY B 112 11.90 -3.91 25.91
N ASN B 113 10.77 -3.53 25.32
CA ASN B 113 9.57 -3.41 26.14
C ASN B 113 8.36 -4.01 25.44
N ARG B 114 7.54 -3.20 24.77
CA ARG B 114 6.25 -3.68 24.28
C ARG B 114 6.07 -3.45 22.77
N GLY B 115 7.16 -3.46 22.00
CA GLY B 115 7.02 -3.33 20.57
C GLY B 115 8.29 -3.28 19.75
N TYR B 116 8.21 -2.51 18.65
CA TYR B 116 9.27 -2.42 17.67
C TYR B 116 9.40 -0.97 17.24
N HIS B 117 10.61 -0.63 16.82
CA HIS B 117 10.92 0.58 16.08
C HIS B 117 11.30 0.19 14.66
N ILE B 118 10.87 0.99 13.69
CA ILE B 118 11.29 0.82 12.31
C ILE B 118 12.15 2.03 11.98
N TRP B 119 13.45 1.81 11.83
CA TRP B 119 14.38 2.92 11.66
C TRP B 119 14.59 3.22 10.19
N ILE B 120 14.62 4.51 9.87
CA ILE B 120 14.85 5.01 8.51
C ILE B 120 15.98 6.04 8.60
N PHE B 121 17.09 5.77 7.91
CA PHE B 121 18.27 6.62 7.98
C PHE B 121 18.48 7.35 6.65
N PHE B 122 19.07 8.55 6.74
CA PHE B 122 19.31 9.40 5.58
C PHE B 122 20.77 9.82 5.50
N ASP B 123 21.29 9.96 4.29
CA ASP B 123 22.72 10.25 4.14
C ASP B 123 23.06 11.64 4.65
N ILE B 124 22.20 12.62 4.40
CA ILE B 124 22.30 13.95 4.98
C ILE B 124 20.91 14.31 5.53
N PRO B 125 20.83 15.29 6.43
CA PRO B 125 19.52 15.63 7.01
C PRO B 125 18.48 15.99 5.96
N VAL B 126 17.23 15.61 6.20
CA VAL B 126 16.12 15.97 5.33
C VAL B 126 15.12 16.82 6.10
N SER B 127 14.35 17.61 5.37
CA SER B 127 13.30 18.41 5.99
C SER B 127 12.38 17.54 6.85
N ALA B 128 12.15 17.96 8.09
CA ALA B 128 11.30 17.19 8.97
C ALA B 128 9.89 17.08 8.42
N TYR B 129 9.36 18.17 7.87
CA TYR B 129 8.01 18.11 7.31
C TYR B 129 7.91 17.08 6.19
N LYS B 130 8.92 17.01 5.30
CA LYS B 130 8.83 16.11 4.16
C LYS B 130 8.78 14.66 4.58
N ILE B 131 9.71 14.22 5.43
CA ILE B 131 9.70 12.83 5.86
C ILE B 131 8.46 12.55 6.73
N LYS B 132 8.04 13.51 7.55
CA LYS B 132 6.82 13.27 8.33
C LYS B 132 5.61 13.13 7.41
N TYR B 133 5.54 13.96 6.36
CA TYR B 133 4.47 13.85 5.40
C TYR B 133 4.45 12.47 4.75
N ILE B 134 5.62 12.03 4.27
CA ILE B 134 5.74 10.70 3.65
C ILE B 134 5.27 9.62 4.62
N MET B 135 5.76 9.68 5.86
CA MET B 135 5.47 8.64 6.84
C MET B 135 3.99 8.59 7.23
N GLU B 136 3.33 9.75 7.28
CA GLU B 136 1.90 9.77 7.56
C GLU B 136 1.10 9.15 6.41
N LYS B 137 1.44 9.50 5.17
CA LYS B 137 0.74 8.94 4.02
C LYS B 137 0.91 7.42 3.93
N ILE B 138 2.13 6.93 4.16
CA ILE B 138 2.35 5.50 4.20
C ILE B 138 1.58 4.86 5.35
N LEU B 139 1.56 5.50 6.52
CA LEU B 139 0.91 4.89 7.67
C LEU B 139 -0.60 4.76 7.43
N ASP B 140 -1.18 5.72 6.70
CA ASP B 140 -2.62 5.72 6.46
C ASP B 140 -3.05 4.60 5.52
N ARG B 141 -2.12 3.94 4.86
CA ARG B 141 -2.41 2.78 4.03
C ARG B 141 -2.44 1.49 4.83
N ILE B 142 -1.94 1.49 6.06
CA ILE B 142 -1.63 0.25 6.79
C ILE B 142 -2.86 -0.23 7.54
N GLU B 143 -3.10 -1.53 7.47
CA GLU B 143 -4.17 -2.19 8.21
C GLU B 143 -3.69 -2.42 9.64
N LEU B 144 -4.12 -1.56 10.56
CA LEU B 144 -3.78 -1.73 11.96
C LEU B 144 -4.55 -2.91 12.54
N GLU B 145 -4.01 -3.48 13.62
CA GLU B 145 -4.70 -4.53 14.36
C GLU B 145 -5.02 -4.02 15.77
N GLU B 146 -6.01 -4.67 16.39
CA GLU B 146 -6.48 -4.22 17.70
C GLU B 146 -5.36 -4.28 18.73
N GLY B 147 -5.26 -3.22 19.54
CA GLY B 147 -4.29 -3.19 20.61
C GLY B 147 -2.92 -2.65 20.25
N ILE B 148 -2.70 -2.27 18.99
CA ILE B 148 -1.40 -1.78 18.52
C ILE B 148 -1.49 -0.29 18.22
N ASP B 149 -0.55 0.47 18.75
CA ASP B 149 -0.35 1.87 18.41
C ASP B 149 0.89 2.03 17.53
N VAL B 150 0.79 2.91 16.53
CA VAL B 150 1.92 3.32 15.70
C VAL B 150 2.05 4.83 15.81
N GLU B 151 3.20 5.31 16.25
CA GLU B 151 3.42 6.75 16.24
C GLU B 151 4.66 7.05 15.41
N ILE B 152 4.69 8.24 14.83
CA ILE B 152 5.75 8.64 13.91
C ILE B 152 6.69 9.58 14.65
N PHE B 153 7.99 9.33 14.50
CA PHE B 153 9.02 10.27 14.91
C PHE B 153 9.78 10.70 13.65
N PRO B 154 9.97 12.01 13.41
CA PRO B 154 9.65 13.12 14.33
C PRO B 154 8.16 13.40 14.54
N LYS B 155 7.79 13.74 15.78
CA LYS B 155 6.41 14.07 16.11
C LYS B 155 6.05 15.51 15.75
N GLN B 156 7.04 16.34 15.50
CA GLN B 156 6.84 17.71 15.05
C GLN B 156 7.74 17.98 13.85
N THR B 157 7.30 18.89 12.99
CA THR B 157 8.10 19.26 11.83
C THR B 157 8.86 20.56 12.04
N SER B 158 8.49 21.34 13.04
CA SER B 158 9.20 22.58 13.33
C SER B 158 9.43 22.64 14.83
N LEU B 159 10.56 23.25 15.22
CA LEU B 159 10.88 23.33 16.64
C LEU B 159 10.12 24.45 17.33
N ASN B 160 10.04 25.62 16.69
CA ASN B 160 9.43 26.81 17.31
C ASN B 160 10.11 27.14 18.63
N GLY B 161 11.44 27.12 18.63
CA GLY B 161 12.22 27.39 19.82
C GLY B 161 12.25 26.30 20.87
N GLY B 162 11.63 25.15 20.61
CA GLY B 162 11.58 24.06 21.57
C GLY B 162 12.60 22.98 21.30
N LEU B 163 12.42 21.86 22.02
CA LEU B 163 13.23 20.65 21.84
C LEU B 163 12.54 19.60 20.97
N GLY B 164 11.21 19.52 21.01
CA GLY B 164 10.52 18.44 20.37
C GLY B 164 10.61 17.16 21.16
N ASN B 165 10.13 16.08 20.53
CA ASN B 165 10.09 14.76 21.14
C ASN B 165 11.41 14.03 20.92
N LEU B 166 11.71 13.11 21.81
CA LEU B 166 12.91 12.30 21.75
C LEU B 166 12.53 10.84 21.50
N ILE B 167 13.50 10.07 21.03
CA ILE B 167 13.31 8.64 20.89
C ILE B 167 14.49 7.88 21.48
N MLZ B 168 14.19 6.77 22.16
CA MLZ B 168 15.20 5.88 22.69
CB MLZ B 168 14.59 4.89 23.66
CG MLZ B 168 15.63 3.97 24.27
CD MLZ B 168 15.10 3.38 25.56
CE MLZ B 168 14.92 1.86 25.46
NZ MLZ B 168 14.58 1.36 24.16
CM MLZ B 168 15.51 0.36 23.71
C MLZ B 168 15.95 5.11 21.55
O MLZ B 168 15.26 4.46 20.71
N VAL B 169 17.27 5.17 21.51
CA VAL B 169 18.01 4.55 20.41
C VAL B 169 18.50 3.14 20.83
N PRO B 170 18.75 2.26 19.85
CA PRO B 170 18.96 0.84 20.16
C PRO B 170 20.35 0.58 20.74
N LEU B 171 20.59 -0.69 21.06
CA LEU B 171 21.85 -1.24 21.55
C LEU B 171 22.15 -0.79 22.97
N GLY B 172 21.11 -0.38 23.70
CA GLY B 172 21.19 -0.08 25.11
C GLY B 172 20.22 -0.93 25.92
N VAL B 173 19.92 -0.52 27.14
CA VAL B 173 19.07 -1.30 28.02
C VAL B 173 17.84 -0.48 28.39
N HIS B 174 16.65 -1.07 28.23
CA HIS B 174 15.40 -0.40 28.59
C HIS B 174 15.30 -0.32 30.12
N LYS B 175 15.31 0.91 30.64
CA LYS B 175 15.38 1.11 32.08
C LYS B 175 14.10 0.68 32.81
N LYS B 176 12.97 0.57 32.10
CA LYS B 176 11.76 0.10 32.75
C LYS B 176 11.71 -1.42 32.88
N THR B 177 12.43 -2.17 32.02
CA THR B 177 12.35 -3.62 32.00
C THR B 177 13.69 -4.31 32.21
N GLY B 178 14.81 -3.61 32.01
CA GLY B 178 16.11 -4.27 32.08
C GLY B 178 16.44 -5.15 30.90
N LYS B 179 15.67 -5.08 29.81
CA LYS B 179 15.90 -5.85 28.60
C LYS B 179 16.69 -5.04 27.58
N LYS B 180 17.55 -5.73 26.85
CA LYS B 180 18.32 -5.07 25.79
C LYS B 180 17.43 -4.73 24.59
N CYS B 181 17.65 -3.55 24.02
CA CYS B 181 17.01 -3.13 22.78
C CYS B 181 17.91 -3.48 21.60
N LEU B 182 17.43 -4.37 20.73
CA LEU B 182 18.29 -5.01 19.73
C LEU B 182 17.64 -4.99 18.36
N PHE B 183 18.50 -4.90 17.33
CA PHE B 183 18.03 -5.06 15.97
C PHE B 183 17.55 -6.49 15.75
N VAL B 184 16.51 -6.63 14.92
CA VAL B 184 16.00 -7.95 14.57
C VAL B 184 15.86 -8.03 13.06
N ASP B 185 15.79 -9.26 12.56
CA ASP B 185 15.76 -9.50 11.12
C ASP B 185 14.33 -9.34 10.60
N ASN B 186 14.11 -9.81 9.37
CA ASN B 186 12.84 -9.62 8.69
C ASN B 186 11.74 -10.49 9.27
N ASP B 187 12.08 -11.48 10.09
CA ASP B 187 11.09 -12.25 10.83
C ASP B 187 10.99 -11.83 12.29
N PHE B 188 11.62 -10.71 12.64
CA PHE B 188 11.67 -10.15 13.99
C PHE B 188 12.50 -10.97 14.97
N ASN B 189 13.36 -11.87 14.49
CA ASN B 189 14.26 -12.60 15.36
C ASN B 189 15.57 -11.84 15.53
N VAL B 190 16.16 -11.96 16.73
CA VAL B 190 17.32 -11.16 17.08
C VAL B 190 18.50 -11.45 16.16
N ILE B 191 19.14 -10.39 15.67
CA ILE B 191 20.38 -10.51 14.90
C ILE B 191 21.51 -10.93 15.82
N GLU B 192 22.29 -11.93 15.39
CA GLU B 192 23.29 -12.51 16.28
C GLU B 192 24.49 -11.59 16.48
N ASN B 193 24.96 -10.94 15.42
CA ASN B 193 26.07 -9.99 15.53
C ASN B 193 25.54 -8.59 15.27
N GLN B 194 25.19 -7.89 16.37
CA GLN B 194 24.63 -6.55 16.27
C GLN B 194 25.62 -5.55 15.70
N ILE B 195 26.92 -5.69 16.05
CA ILE B 195 27.92 -4.74 15.60
C ILE B 195 28.07 -4.81 14.08
N GLU B 196 28.14 -6.03 13.54
CA GLU B 196 28.20 -6.18 12.10
C GLU B 196 26.93 -5.66 11.43
N PHE B 197 25.77 -5.96 12.02
CA PHE B 197 24.52 -5.42 11.49
C PHE B 197 24.56 -3.89 11.44
N LEU B 198 25.04 -3.25 12.51
CA LEU B 198 25.06 -1.80 12.55
C LEU B 198 26.02 -1.23 11.50
N ASN B 199 27.14 -1.90 11.26
CA ASN B 199 28.08 -1.38 10.27
C ASN B 199 27.60 -1.63 8.85
N ASN B 200 26.64 -2.52 8.65
CA ASN B 200 26.10 -2.81 7.34
C ASN B 200 24.84 -2.02 7.03
N ILE B 201 24.30 -1.25 7.98
CA ILE B 201 23.08 -0.48 7.72
C ILE B 201 23.32 0.50 6.58
N LYS B 202 22.31 0.65 5.73
CA LYS B 202 22.38 1.54 4.58
C LYS B 202 21.46 2.74 4.80
N GLU B 203 21.88 3.91 4.31
CA GLU B 203 21.11 5.14 4.42
C GLU B 203 20.39 5.42 3.11
N ASN B 204 19.19 5.96 3.22
CA ASN B 204 18.50 6.47 2.05
C ASN B 204 19.15 7.78 1.57
N LYS B 205 18.94 8.08 0.29
CA LYS B 205 19.43 9.30 -0.30
C LYS B 205 18.41 10.42 -0.09
N ALA B 206 18.88 11.53 0.46
CA ALA B 206 18.00 12.68 0.68
C ALA B 206 17.34 13.11 -0.63
N THR B 207 18.13 13.23 -1.70
CA THR B 207 17.59 13.58 -3.01
C THR B 207 16.44 12.65 -3.41
N GLU B 208 16.61 11.33 -3.23
CA GLU B 208 15.51 10.40 -3.47
C GLU B 208 14.31 10.70 -2.58
N ILE B 209 14.55 11.04 -1.31
CA ILE B 209 13.44 11.27 -0.39
C ILE B 209 12.69 12.54 -0.79
N ASN B 210 13.41 13.58 -1.19
CA ASN B 210 12.78 14.79 -1.70
C ASN B 210 11.91 14.49 -2.93
N LYS B 211 12.41 13.65 -3.85
CA LYS B 211 11.63 13.31 -5.05
C LYS B 211 10.35 12.57 -4.67
N LEU B 212 10.45 11.58 -3.79
CA LEU B 212 9.25 10.87 -3.33
C LEU B 212 8.27 11.84 -2.70
N PHE B 213 8.77 12.86 -1.99
CA PHE B 213 7.86 13.83 -1.38
C PHE B 213 7.05 14.55 -2.45
N ARG B 214 7.72 15.10 -3.47
CA ARG B 214 7.02 15.80 -4.55
C ARG B 214 6.04 14.87 -5.25
N GLU B 215 6.42 13.61 -5.46
CA GLU B 215 5.59 12.69 -6.23
C GLU B 215 4.34 12.29 -5.45
N ILE B 216 4.46 12.05 -4.15
CA ILE B 216 3.29 11.71 -3.34
C ILE B 216 2.47 12.95 -3.03
N PHE B 217 3.11 14.10 -2.86
CA PHE B 217 2.37 15.35 -2.66
C PHE B 217 1.43 15.63 -3.82
N ASN B 218 1.85 15.30 -5.04
CA ASN B 218 1.13 15.66 -6.27
C ASN B 218 0.10 14.62 -6.70
N GLU B 219 -0.61 14.00 -5.75
CA GLU B 219 -1.70 13.07 -6.07
C GLU B 219 -2.51 12.75 -4.81
CO CO G . -20.49 -0.20 -9.79
CO CO H . -19.96 0.86 -12.50
CO CO I . 7.39 2.36 21.87
CO CO J . 5.23 4.56 21.64
#